data_5F20
#
_entry.id   5F20
#
_cell.length_a   48.332
_cell.length_b   48.332
_cell.length_c   477.344
_cell.angle_alpha   90.000
_cell.angle_beta   90.000
_cell.angle_gamma   120.000
#
_symmetry.space_group_name_H-M   'P 61 2 2'
#
loop_
_entity.id
_entity.type
_entity.pdbx_description
1 polymer 'Non-receptor tyrosine-protein kinase TYK2'
2 non-polymer 3-azanyl-5-(2-methylphenyl)-7-(1-methylpyrazol-3-yl)-1~{H}-pyrazolo[4,3-c]pyridin-4-one
3 water water
#
_entity_poly.entity_id   1
_entity_poly.type   'polypeptide(L)'
_entity_poly.pdbx_seq_one_letter_code
;MGSPASDPTVFHKRYLKKIRDLGEGHFGKVSLYCYDPTNDGTGEMVAVKALKADCGPQHRSGWKQEIDILRTLYHEHIIK
YKGCCEDQGEKSLQLVMEYVPLGSLRDYLPRHSIGLAQLLLFAQQICEGMAYLHSQHYIHRNLAARNVLLDNDRLVKIGD
FGLAKAVPEGHEYYRVREDGDSPVFWYAPECLKEYKFYYASDVWSFGVTLYELLTHCDSSQSPPTKFLELIGIAQGQMTV
LRLTELLERGERLPRPDKCPCEVYHLMKNCWETEASFRPTFENLIPILKTVHEKYHHHHHH
;
_entity_poly.pdbx_strand_id   A
#
# COMPACT_ATOMS: atom_id res chain seq x y z
N ASP A 7 -14.90 0.12 -27.65
CA ASP A 7 -14.60 0.07 -26.18
C ASP A 7 -13.08 -0.10 -25.93
N PRO A 8 -12.43 0.91 -25.30
CA PRO A 8 -10.96 0.98 -25.01
C PRO A 8 -10.39 0.06 -23.90
N THR A 9 -11.24 -0.29 -22.94
CA THR A 9 -10.89 -1.14 -21.80
C THR A 9 -10.64 -2.61 -22.19
N VAL A 10 -10.89 -2.98 -23.45
CA VAL A 10 -10.51 -4.30 -23.93
C VAL A 10 -9.22 -4.24 -24.70
N PHE A 11 -8.18 -4.84 -24.13
CA PHE A 11 -6.86 -4.83 -24.74
C PHE A 11 -6.62 -6.10 -25.52
N HIS A 12 -6.07 -5.99 -26.73
CA HIS A 12 -5.92 -7.18 -27.55
C HIS A 12 -4.55 -7.82 -27.46
N LYS A 13 -4.56 -9.07 -26.99
CA LYS A 13 -3.36 -9.83 -26.65
C LYS A 13 -2.38 -9.82 -27.81
N ARG A 14 -2.89 -9.45 -28.97
CA ARG A 14 -2.16 -9.51 -30.21
C ARG A 14 -1.35 -8.22 -30.50
N TYR A 15 -1.49 -7.22 -29.62
CA TYR A 15 -0.73 -5.95 -29.73
C TYR A 15 0.04 -5.63 -28.45
N LEU A 16 -0.01 -6.52 -27.48
CA LEU A 16 0.83 -6.36 -26.30
C LEU A 16 2.16 -7.08 -26.46
N LYS A 17 3.17 -6.35 -26.91
CA LYS A 17 4.54 -6.86 -26.84
C LYS A 17 5.15 -6.48 -25.48
N LYS A 18 5.67 -7.47 -24.77
CA LYS A 18 6.21 -7.30 -23.42
C LYS A 18 7.63 -6.71 -23.42
N ILE A 19 8.02 -6.09 -22.31
CA ILE A 19 9.39 -5.60 -22.13
C ILE A 19 10.12 -6.39 -21.02
N ARG A 20 9.80 -6.10 -19.75
CA ARG A 20 10.38 -6.81 -18.60
C ARG A 20 9.34 -7.10 -17.52
N ASP A 21 9.67 -8.01 -16.60
CA ASP A 21 8.85 -8.21 -15.41
C ASP A 21 9.13 -7.05 -14.47
N LEU A 22 8.20 -6.80 -13.55
CA LEU A 22 8.30 -5.63 -12.69
C LEU A 22 8.36 -6.01 -11.23
N GLY A 23 7.46 -6.89 -10.82
CA GLY A 23 7.49 -7.42 -9.48
C GLY A 23 6.57 -8.60 -9.29
N GLU A 24 6.46 -9.05 -8.05
CA GLU A 24 5.44 -9.99 -7.65
C GLU A 24 4.40 -9.15 -6.96
N GLY A 25 3.16 -9.20 -7.44
CA GLY A 25 2.06 -8.54 -6.74
C GLY A 25 1.40 -9.62 -5.93
N HIS A 26 0.25 -9.30 -5.36
CA HIS A 26 -0.44 -10.30 -4.60
C HIS A 26 -1.42 -11.04 -5.52
N PHE A 27 -1.20 -12.35 -5.64
CA PHE A 27 -1.95 -13.23 -6.56
C PHE A 27 -1.58 -13.06 -8.05
N GLY A 28 -0.62 -12.20 -8.34
CA GLY A 28 -0.21 -12.01 -9.72
C GLY A 28 1.20 -11.49 -9.91
N LYS A 29 1.88 -11.98 -10.94
CA LYS A 29 3.14 -11.39 -11.35
C LYS A 29 2.79 -10.14 -12.16
N VAL A 30 3.67 -9.13 -12.13
CA VAL A 30 3.49 -7.89 -12.90
C VAL A 30 4.62 -7.61 -13.88
N SER A 31 4.24 -7.10 -15.06
CA SER A 31 5.17 -6.87 -16.16
C SER A 31 4.81 -5.63 -16.97
N LEU A 32 5.85 -4.96 -17.48
CA LEU A 32 5.71 -3.85 -18.42
C LEU A 32 5.45 -4.36 -19.85
N TYR A 33 4.49 -3.72 -20.52
CA TYR A 33 4.11 -4.04 -21.90
C TYR A 33 3.99 -2.79 -22.75
N CYS A 34 4.31 -2.93 -24.03
CA CYS A 34 3.98 -1.91 -24.99
C CYS A 34 2.75 -2.33 -25.83
N TYR A 35 1.69 -1.50 -25.74
CA TYR A 35 0.42 -1.72 -26.45
C TYR A 35 0.30 -0.78 -27.63
N ASP A 36 0.29 -1.36 -28.83
CA ASP A 36 0.25 -0.60 -30.05
C ASP A 36 -0.79 -1.26 -30.93
N PRO A 37 -2.06 -0.86 -30.77
CA PRO A 37 -3.16 -1.42 -31.56
C PRO A 37 -3.33 -0.77 -32.94
N THR A 38 -2.54 0.27 -33.21
CA THR A 38 -2.56 0.97 -34.50
C THR A 38 -1.27 0.76 -35.28
N ASN A 39 -0.32 0.01 -34.71
CA ASN A 39 1.00 -0.23 -35.33
C ASN A 39 1.71 1.06 -35.78
N ASP A 40 1.43 2.17 -35.09
CA ASP A 40 2.01 3.47 -35.45
C ASP A 40 3.51 3.55 -35.07
N GLY A 41 3.96 2.57 -34.29
CA GLY A 41 5.38 2.37 -34.06
C GLY A 41 5.84 2.75 -32.69
N THR A 42 4.89 3.01 -31.80
CA THR A 42 5.20 3.52 -30.47
C THR A 42 4.09 3.17 -29.49
N GLY A 43 2.86 3.16 -30.02
CA GLY A 43 1.67 2.96 -29.20
C GLY A 43 1.79 3.55 -27.79
N GLU A 44 1.69 2.70 -26.78
CA GLU A 44 1.48 3.12 -25.40
C GLU A 44 2.11 2.16 -24.38
N MET A 45 2.44 2.69 -23.20
CA MET A 45 3.07 1.90 -22.13
C MET A 45 2.12 1.54 -20.98
N VAL A 46 2.06 0.25 -20.66
CA VAL A 46 1.13 -0.23 -19.66
C VAL A 46 1.76 -1.30 -18.78
N ALA A 47 1.17 -1.45 -17.58
CA ALA A 47 1.53 -2.51 -16.64
C ALA A 47 0.42 -3.55 -16.61
N VAL A 48 0.82 -4.82 -16.65
CA VAL A 48 -0.13 -5.93 -16.77
C VAL A 48 0.07 -6.87 -15.59
N LYS A 49 -1.01 -7.16 -14.88
CA LYS A 49 -0.92 -8.11 -13.78
C LYS A 49 -1.63 -9.39 -14.16
N ALA A 50 -0.85 -10.47 -14.23
CA ALA A 50 -1.38 -11.78 -14.62
C ALA A 50 -2.14 -12.41 -13.48
N LEU A 51 -3.46 -12.39 -13.59
CA LEU A 51 -4.33 -12.87 -12.52
C LEU A 51 -4.59 -14.36 -12.55
N LYS A 52 -4.63 -14.95 -11.36
CA LYS A 52 -4.79 -16.38 -11.15
C LYS A 52 -6.24 -16.82 -11.32
N GLY A 62 -12.74 -16.53 -5.48
CA GLY A 62 -12.83 -15.11 -5.94
C GLY A 62 -11.49 -14.41 -6.13
N TRP A 63 -10.75 -14.83 -7.16
CA TRP A 63 -9.39 -14.30 -7.44
C TRP A 63 -9.33 -13.09 -8.40
N LYS A 64 -10.49 -12.66 -8.91
CA LYS A 64 -10.60 -11.52 -9.84
C LYS A 64 -10.90 -10.18 -9.13
N GLN A 65 -11.17 -10.25 -7.83
CA GLN A 65 -11.62 -9.09 -7.02
C GLN A 65 -10.81 -7.80 -7.16
N GLU A 66 -9.50 -7.91 -7.36
CA GLU A 66 -8.65 -6.74 -7.60
C GLU A 66 -9.25 -5.93 -8.75
N ILE A 67 -9.62 -6.60 -9.82
CA ILE A 67 -10.17 -5.96 -11.02
C ILE A 67 -11.41 -5.11 -10.76
N ASP A 68 -12.38 -5.67 -10.03
CA ASP A 68 -13.71 -5.10 -9.87
C ASP A 68 -13.73 -3.94 -8.91
N ILE A 69 -12.74 -3.92 -8.04
CA ILE A 69 -12.52 -2.81 -7.13
C ILE A 69 -11.85 -1.66 -7.89
N LEU A 70 -10.71 -1.96 -8.50
CA LEU A 70 -9.86 -0.95 -9.11
C LEU A 70 -10.63 -0.22 -10.22
N ARG A 71 -11.49 -1.00 -10.87
CA ARG A 71 -12.36 -0.53 -11.93
C ARG A 71 -13.30 0.56 -11.42
N THR A 72 -13.67 0.51 -10.15
CA THR A 72 -14.65 1.45 -9.60
C THR A 72 -14.03 2.75 -9.03
N LEU A 73 -12.70 2.79 -9.01
CA LEU A 73 -11.95 3.89 -8.40
C LEU A 73 -11.34 4.80 -9.44
N TYR A 74 -11.52 6.12 -9.27
CA TYR A 74 -10.85 7.17 -10.08
C TYR A 74 -10.26 8.22 -9.15
N HIS A 75 -8.93 8.25 -9.04
CA HIS A 75 -8.25 9.15 -8.13
C HIS A 75 -6.77 9.28 -8.46
N GLU A 76 -6.24 10.49 -8.34
CA GLU A 76 -4.89 10.82 -8.79
C GLU A 76 -3.78 10.25 -7.92
N HIS A 77 -4.17 9.50 -6.89
CA HIS A 77 -3.19 8.84 -6.01
C HIS A 77 -3.45 7.34 -5.89
N ILE A 78 -4.50 6.86 -6.57
CA ILE A 78 -4.71 5.44 -6.82
C ILE A 78 -4.31 5.15 -8.27
N ILE A 79 -3.65 4.01 -8.45
CA ILE A 79 -3.24 3.55 -9.76
C ILE A 79 -4.46 3.40 -10.70
N LYS A 80 -4.35 3.96 -11.92
CA LYS A 80 -5.44 3.99 -12.91
C LYS A 80 -5.76 2.63 -13.54
N TYR A 81 -7.04 2.25 -13.47
CA TYR A 81 -7.48 1.07 -14.19
C TYR A 81 -7.60 1.43 -15.65
N LYS A 82 -6.89 0.71 -16.52
CA LYS A 82 -6.99 0.89 -17.98
C LYS A 82 -7.94 -0.10 -18.68
N GLY A 83 -7.93 -1.36 -18.26
CA GLY A 83 -8.80 -2.39 -18.84
C GLY A 83 -8.22 -3.78 -18.61
N CYS A 84 -8.76 -4.79 -19.29
CA CYS A 84 -8.17 -6.13 -19.23
C CYS A 84 -8.00 -6.93 -20.56
N CYS A 85 -7.92 -8.26 -20.46
CA CYS A 85 -7.34 -9.13 -21.47
C CYS A 85 -7.77 -10.60 -21.21
N GLU A 86 -8.32 -11.28 -22.23
CA GLU A 86 -8.93 -12.62 -22.04
C GLU A 86 -8.48 -13.74 -23.00
N ASP A 87 -8.70 -15.00 -22.57
CA ASP A 87 -8.41 -16.18 -23.38
C ASP A 87 -9.68 -16.96 -23.71
N SER A 92 -6.89 -16.43 -14.50
CA SER A 92 -7.19 -16.85 -15.90
C SER A 92 -7.34 -15.66 -16.88
N LEU A 93 -7.45 -14.44 -16.35
CA LEU A 93 -7.49 -13.19 -17.14
C LEU A 93 -6.36 -12.22 -16.71
N GLN A 94 -6.33 -10.99 -17.26
CA GLN A 94 -5.18 -10.08 -17.02
C GLN A 94 -5.41 -8.57 -16.90
N LEU A 95 -5.23 -8.05 -15.68
CA LEU A 95 -5.39 -6.63 -15.37
C LEU A 95 -4.34 -5.75 -15.98
N VAL A 96 -4.79 -4.72 -16.68
CA VAL A 96 -3.91 -3.76 -17.32
C VAL A 96 -4.03 -2.39 -16.64
N MET A 97 -2.92 -1.89 -16.11
CA MET A 97 -2.96 -0.68 -15.31
C MET A 97 -2.14 0.42 -15.95
N GLU A 98 -2.35 1.64 -15.50
CA GLU A 98 -1.49 2.76 -15.82
C GLU A 98 -0.07 2.44 -15.35
N TYR A 99 0.91 2.82 -16.18
CA TYR A 99 2.30 2.61 -15.85
C TYR A 99 2.89 3.72 -15.00
N VAL A 100 3.40 3.34 -13.84
CA VAL A 100 4.06 4.29 -12.95
C VAL A 100 5.57 4.05 -13.03
N PRO A 101 6.25 4.93 -13.78
CA PRO A 101 7.63 4.79 -14.21
C PRO A 101 8.65 4.41 -13.13
N LEU A 102 8.52 4.97 -11.94
CA LEU A 102 9.62 4.94 -10.95
C LEU A 102 9.59 3.78 -9.94
N GLY A 103 8.54 2.97 -9.99
CA GLY A 103 8.41 1.85 -9.07
C GLY A 103 8.10 2.25 -7.64
N SER A 104 8.06 1.23 -6.77
CA SER A 104 7.76 1.38 -5.36
C SER A 104 8.79 2.24 -4.65
N LEU A 105 8.36 2.94 -3.60
CA LEU A 105 9.24 3.78 -2.80
C LEU A 105 10.26 2.89 -2.09
N ARG A 106 9.83 1.67 -1.82
CA ARG A 106 10.64 0.65 -1.16
C ARG A 106 11.99 0.48 -1.83
N ASP A 107 12.01 0.71 -3.14
CA ASP A 107 13.23 0.67 -3.95
C ASP A 107 13.80 2.06 -4.23
N TYR A 108 12.91 3.04 -4.40
CA TYR A 108 13.28 4.41 -4.72
C TYR A 108 14.04 5.12 -3.60
N LEU A 109 13.52 5.01 -2.37
CA LEU A 109 14.09 5.71 -1.22
C LEU A 109 15.53 5.33 -0.90
N PRO A 110 15.83 4.01 -0.76
CA PRO A 110 17.20 3.65 -0.36
C PRO A 110 18.29 4.03 -1.37
N ARG A 111 17.94 4.78 -2.42
CA ARG A 111 18.87 5.05 -3.52
C ARG A 111 18.93 6.49 -4.07
N HIS A 112 18.09 7.38 -3.55
CA HIS A 112 18.27 8.82 -3.74
C HIS A 112 18.01 9.43 -2.38
N SER A 113 18.80 10.43 -2.00
CA SER A 113 18.52 11.14 -0.75
C SER A 113 17.35 12.09 -1.00
N ILE A 114 16.45 12.17 -0.02
CA ILE A 114 15.23 12.94 -0.14
C ILE A 114 15.13 13.92 1.01
N GLY A 115 14.50 15.08 0.79
CA GLY A 115 14.18 15.99 1.89
C GLY A 115 13.23 15.33 2.88
N LEU A 116 13.16 15.86 4.09
CA LEU A 116 12.17 15.36 5.07
C LEU A 116 10.79 15.92 4.72
N ALA A 117 10.72 17.22 4.39
CA ALA A 117 9.46 17.81 3.93
C ALA A 117 8.87 16.96 2.80
N GLN A 118 9.73 16.51 1.88
CA GLN A 118 9.31 15.63 0.79
C GLN A 118 8.75 14.30 1.30
N LEU A 119 9.43 13.70 2.27
CA LEU A 119 8.95 12.46 2.88
C LEU A 119 7.53 12.61 3.43
N LEU A 120 7.24 13.80 3.98
CA LEU A 120 5.93 14.12 4.54
C LEU A 120 4.87 14.36 3.48
N LEU A 121 5.26 15.05 2.41
CA LEU A 121 4.34 15.29 1.28
C LEU A 121 3.86 14.00 0.64
N PHE A 122 4.74 12.99 0.55
CA PHE A 122 4.34 11.63 0.13
C PHE A 122 3.36 11.03 1.14
N ALA A 123 3.70 11.11 2.43
CA ALA A 123 2.78 10.61 3.45
C ALA A 123 1.40 11.23 3.23
N GLN A 124 1.36 12.56 3.15
CA GLN A 124 0.13 13.26 2.91
C GLN A 124 -0.65 12.67 1.76
N GLN A 125 0.00 12.49 0.61
CA GLN A 125 -0.65 11.97 -0.60
C GLN A 125 -1.28 10.58 -0.43
N ILE A 126 -0.63 9.73 0.37
CA ILE A 126 -1.13 8.38 0.59
C ILE A 126 -2.40 8.45 1.42
N CYS A 127 -2.45 9.44 2.31
CA CYS A 127 -3.65 9.73 3.10
C CYS A 127 -4.81 10.16 2.22
N GLU A 128 -4.51 11.05 1.26
CA GLU A 128 -5.51 11.57 0.33
C GLU A 128 -6.17 10.44 -0.50
N GLY A 129 -5.35 9.54 -1.03
CA GLY A 129 -5.85 8.33 -1.69
C GLY A 129 -6.62 7.41 -0.75
N MET A 130 -6.03 7.16 0.41
CA MET A 130 -6.61 6.23 1.34
C MET A 130 -7.93 6.73 1.89
N ALA A 131 -8.02 8.05 2.04
CA ALA A 131 -9.25 8.69 2.51
C ALA A 131 -10.37 8.42 1.51
N TYR A 132 -10.03 8.52 0.23
CA TYR A 132 -10.95 8.29 -0.87
C TYR A 132 -11.37 6.81 -0.92
N LEU A 133 -10.39 5.92 -0.92
CA LEU A 133 -10.63 4.50 -0.86
C LEU A 133 -11.69 4.16 0.21
N HIS A 134 -11.44 4.66 1.42
CA HIS A 134 -12.31 4.42 2.54
C HIS A 134 -13.66 5.08 2.29
N SER A 135 -13.66 6.22 1.61
CA SER A 135 -14.93 6.92 1.41
C SER A 135 -15.78 6.09 0.46
N GLN A 136 -15.10 5.23 -0.31
CA GLN A 136 -15.75 4.34 -1.28
C GLN A 136 -16.04 2.99 -0.66
N HIS A 137 -15.74 2.86 0.61
CA HIS A 137 -16.12 1.68 1.36
C HIS A 137 -15.22 0.48 1.00
N TYR A 138 -13.93 0.74 0.79
CA TYR A 138 -12.94 -0.35 0.63
C TYR A 138 -11.83 -0.29 1.67
N ILE A 139 -11.30 -1.45 2.02
CA ILE A 139 -10.03 -1.56 2.74
C ILE A 139 -8.91 -2.07 1.83
N HIS A 140 -7.74 -1.45 1.90
CA HIS A 140 -6.64 -1.85 1.04
C HIS A 140 -5.94 -3.10 1.53
N ARG A 141 -5.88 -3.24 2.85
CA ARG A 141 -5.37 -4.47 3.49
C ARG A 141 -3.91 -4.72 3.26
N ASN A 142 -3.25 -3.86 2.50
CA ASN A 142 -1.89 -4.13 2.09
C ASN A 142 -0.95 -2.91 2.00
N LEU A 143 -1.25 -1.83 2.71
CA LEU A 143 -0.52 -0.58 2.51
C LEU A 143 0.93 -0.58 3.05
N ALA A 144 1.89 -0.43 2.14
CA ALA A 144 3.31 -0.48 2.47
C ALA A 144 4.17 0.30 1.45
N ALA A 145 5.43 0.58 1.80
CA ALA A 145 6.34 1.32 0.91
C ALA A 145 6.57 0.56 -0.41
N ARG A 146 6.68 -0.76 -0.29
CA ARG A 146 6.52 -1.72 -1.38
C ARG A 146 5.53 -1.30 -2.46
N ASN A 147 4.33 -0.91 -2.00
CA ASN A 147 3.15 -0.84 -2.84
C ASN A 147 2.67 0.58 -3.04
N VAL A 148 3.58 1.53 -2.85
CA VAL A 148 3.28 2.92 -3.13
C VAL A 148 4.27 3.36 -4.19
N LEU A 149 3.75 3.68 -5.37
CA LEU A 149 4.60 3.92 -6.54
C LEU A 149 4.72 5.41 -6.86
N LEU A 150 5.85 5.77 -7.48
CA LEU A 150 6.11 7.14 -7.90
C LEU A 150 6.04 7.38 -9.41
N ASP A 151 5.32 8.43 -9.83
CA ASP A 151 5.30 8.83 -11.24
C ASP A 151 6.35 9.93 -11.58
N ASN A 152 6.09 10.67 -12.66
CA ASN A 152 6.98 11.73 -13.16
C ASN A 152 7.21 12.86 -12.17
N ASP A 153 6.12 13.46 -11.68
CA ASP A 153 6.19 14.66 -10.85
C ASP A 153 6.35 14.34 -9.37
N ARG A 154 6.80 13.12 -9.09
CA ARG A 154 6.87 12.56 -7.73
C ARG A 154 5.50 12.46 -7.06
N LEU A 155 4.44 12.34 -7.86
CA LEU A 155 3.12 12.06 -7.31
C LEU A 155 3.02 10.59 -6.92
N VAL A 156 2.34 10.34 -5.81
CA VAL A 156 2.25 9.01 -5.23
C VAL A 156 1.05 8.27 -5.85
N LYS A 157 1.20 6.97 -6.11
CA LYS A 157 0.03 6.17 -6.51
C LYS A 157 -0.01 4.86 -5.74
N ILE A 158 -1.13 4.59 -5.07
CA ILE A 158 -1.29 3.34 -4.30
C ILE A 158 -1.59 2.18 -5.23
N GLY A 159 -0.78 1.13 -5.15
CA GLY A 159 -0.90 -0.03 -6.02
C GLY A 159 -1.32 -1.31 -5.32
N ASP A 160 -1.01 -2.43 -5.99
CA ASP A 160 -1.29 -3.80 -5.53
C ASP A 160 -2.54 -3.99 -4.69
N PHE A 161 -3.69 -4.03 -5.34
CA PHE A 161 -4.96 -4.19 -4.64
C PHE A 161 -5.32 -5.66 -4.45
N GLY A 162 -4.28 -6.50 -4.52
CA GLY A 162 -4.38 -7.94 -4.33
C GLY A 162 -5.23 -8.32 -3.14
N LEU A 163 -5.02 -7.64 -2.02
CA LEU A 163 -5.72 -7.95 -0.77
C LEU A 163 -6.92 -7.08 -0.46
N ALA A 164 -7.05 -5.93 -1.15
CA ALA A 164 -8.24 -5.03 -1.04
C ALA A 164 -9.62 -5.73 -0.94
N LYS A 165 -10.49 -5.20 -0.08
CA LYS A 165 -11.79 -5.81 0.20
C LYS A 165 -12.94 -4.83 0.33
N ALA A 166 -14.10 -5.21 -0.20
CA ALA A 166 -15.33 -4.46 -0.01
C ALA A 166 -15.73 -4.55 1.44
N VAL A 167 -16.11 -3.43 2.05
CA VAL A 167 -16.68 -3.45 3.39
C VAL A 167 -18.21 -3.38 3.24
N PRO A 168 -18.92 -4.40 3.76
CA PRO A 168 -20.37 -4.39 3.61
C PRO A 168 -20.96 -3.17 4.32
N GLU A 169 -21.92 -2.51 3.68
CA GLU A 169 -22.51 -1.32 4.26
C GLU A 169 -23.38 -1.65 5.47
N GLY A 170 -22.97 -1.07 6.58
CA GLY A 170 -23.54 -1.35 7.90
C GLY A 170 -22.43 -1.67 8.88
N HIS A 171 -21.31 -2.19 8.36
CA HIS A 171 -20.23 -2.72 9.20
C HIS A 171 -18.92 -1.95 9.03
N GLU A 172 -18.01 -2.13 9.98
CA GLU A 172 -16.75 -1.37 10.03
C GLU A 172 -15.53 -2.25 9.79
N TYR A 173 -15.73 -3.57 9.87
CA TYR A 173 -14.65 -4.55 9.68
C TYR A 173 -15.01 -5.59 8.65
N TYR A 174 -14.13 -6.58 8.49
CA TYR A 174 -14.32 -7.68 7.55
C TYR A 174 -13.36 -8.83 7.91
N ARG A 175 -13.93 -10.03 8.07
CA ARG A 175 -13.16 -11.19 8.54
C ARG A 175 -12.54 -11.95 7.36
N VAL A 176 -11.23 -12.16 7.40
CA VAL A 176 -10.52 -12.95 6.38
C VAL A 176 -9.59 -13.96 7.02
N ARG A 177 -9.86 -15.24 6.78
CA ARG A 177 -8.97 -16.32 7.21
C ARG A 177 -7.93 -16.59 6.12
N GLU A 178 -6.70 -16.19 6.40
CA GLU A 178 -5.63 -16.19 5.43
C GLU A 178 -5.28 -17.59 4.90
N ASP A 179 -4.93 -17.64 3.62
CA ASP A 179 -4.45 -18.86 2.97
C ASP A 179 -2.92 -18.88 2.97
N GLY A 180 -2.32 -17.91 2.30
CA GLY A 180 -0.88 -17.84 2.16
C GLY A 180 -0.29 -16.72 2.99
N ASP A 181 0.55 -15.92 2.35
CA ASP A 181 1.33 -14.88 3.01
C ASP A 181 0.48 -13.64 3.28
N SER A 182 0.74 -12.98 4.41
CA SER A 182 0.14 -11.71 4.79
C SER A 182 1.26 -10.76 5.22
N PRO A 183 1.17 -9.48 4.84
CA PRO A 183 2.10 -8.50 5.41
C PRO A 183 1.85 -8.29 6.91
N VAL A 184 2.08 -9.34 7.72
CA VAL A 184 1.66 -9.34 9.13
C VAL A 184 2.33 -8.29 10.00
N PHE A 185 3.50 -7.80 9.57
CA PHE A 185 4.25 -6.82 10.33
C PHE A 185 3.75 -5.41 10.09
N TRP A 186 2.76 -5.28 9.21
CA TRP A 186 2.10 -3.98 8.95
C TRP A 186 0.71 -3.95 9.53
N TYR A 187 0.28 -5.07 10.09
CA TYR A 187 -1.08 -5.25 10.57
C TYR A 187 -1.29 -4.88 12.04
N ALA A 188 -2.53 -4.50 12.36
CA ALA A 188 -2.91 -4.15 13.73
C ALA A 188 -3.39 -5.39 14.51
N PRO A 189 -3.24 -5.38 15.85
CA PRO A 189 -3.63 -6.52 16.66
C PRO A 189 -4.92 -7.22 16.18
N GLU A 190 -6.04 -6.50 16.13
CA GLU A 190 -7.35 -7.04 15.73
C GLU A 190 -7.27 -7.98 14.52
N CYS A 191 -6.27 -7.75 13.65
CA CYS A 191 -6.09 -8.51 12.44
C CYS A 191 -5.35 -9.81 12.72
N LEU A 192 -4.24 -9.71 13.46
CA LEU A 192 -3.45 -10.87 13.83
C LEU A 192 -4.26 -11.69 14.85
N LYS A 193 -4.77 -11.00 15.86
CA LYS A 193 -5.52 -11.62 16.94
C LYS A 193 -6.78 -12.31 16.43
N GLU A 194 -7.63 -11.57 15.73
CA GLU A 194 -8.99 -12.04 15.43
C GLU A 194 -9.29 -12.18 13.94
N TYR A 195 -8.35 -11.76 13.09
CA TYR A 195 -8.56 -11.73 11.62
C TYR A 195 -9.69 -10.80 11.20
N LYS A 196 -9.82 -9.69 11.94
CA LYS A 196 -10.78 -8.63 11.65
C LYS A 196 -10.06 -7.38 11.13
N PHE A 197 -10.41 -6.94 9.92
CA PHE A 197 -9.77 -5.75 9.35
C PHE A 197 -10.77 -4.61 9.25
N TYR A 198 -10.56 -3.55 10.06
CA TYR A 198 -11.38 -2.33 10.01
C TYR A 198 -10.75 -1.33 9.07
N TYR A 199 -11.48 -0.26 8.75
CA TYR A 199 -10.88 0.93 8.12
C TYR A 199 -9.68 1.37 8.94
N ALA A 200 -9.89 1.51 10.25
CA ALA A 200 -8.85 1.82 11.22
C ALA A 200 -7.62 0.91 11.18
N SER A 201 -7.70 -0.20 10.44
CA SER A 201 -6.54 -1.10 10.31
C SER A 201 -5.60 -0.60 9.22
N ASP A 202 -6.18 0.10 8.24
CA ASP A 202 -5.40 0.71 7.18
C ASP A 202 -4.63 1.88 7.72
N VAL A 203 -5.22 2.55 8.72
CA VAL A 203 -4.56 3.68 9.38
C VAL A 203 -3.32 3.18 10.08
N TRP A 204 -3.47 2.12 10.87
CA TRP A 204 -2.31 1.44 11.46
C TRP A 204 -1.19 1.23 10.42
N SER A 205 -1.52 0.54 9.33
CA SER A 205 -0.55 0.16 8.31
C SER A 205 0.07 1.41 7.77
N PHE A 206 -0.75 2.44 7.51
CA PHE A 206 -0.23 3.73 7.10
C PHE A 206 0.82 4.27 8.08
N GLY A 207 0.53 4.22 9.37
CA GLY A 207 1.56 4.44 10.38
C GLY A 207 2.84 3.63 10.14
N VAL A 208 2.73 2.32 9.98
CA VAL A 208 3.90 1.47 9.72
C VAL A 208 4.66 1.92 8.47
N THR A 209 3.92 2.38 7.46
CA THR A 209 4.51 2.84 6.18
C THR A 209 5.31 4.11 6.42
N LEU A 210 4.72 4.99 7.21
CA LEU A 210 5.26 6.29 7.48
C LEU A 210 6.63 6.13 8.13
N TYR A 211 6.73 5.10 8.98
CA TYR A 211 7.99 4.69 9.58
C TYR A 211 8.98 4.31 8.48
N GLU A 212 8.52 3.43 7.59
CA GLU A 212 9.35 2.98 6.49
C GLU A 212 9.93 4.17 5.75
N LEU A 213 9.06 5.11 5.37
CA LEU A 213 9.48 6.35 4.71
C LEU A 213 10.65 7.01 5.40
N LEU A 214 10.49 7.19 6.71
CA LEU A 214 11.44 7.94 7.51
C LEU A 214 12.70 7.14 7.85
N THR A 215 12.65 5.82 7.70
CA THR A 215 13.86 5.00 7.70
C THR A 215 14.41 4.88 6.26
N HIS A 216 13.88 5.71 5.36
CA HIS A 216 14.22 5.66 3.93
C HIS A 216 14.26 4.22 3.41
N CYS A 217 13.43 3.37 4.03
CA CYS A 217 13.33 1.95 3.73
C CYS A 217 14.61 1.14 3.88
N ASP A 218 15.62 1.70 4.54
CA ASP A 218 16.82 0.93 4.90
C ASP A 218 16.33 -0.40 5.45
N SER A 219 16.86 -1.49 4.89
CA SER A 219 16.34 -2.83 5.19
C SER A 219 16.75 -3.36 6.56
N SER A 220 17.92 -2.93 7.01
CA SER A 220 18.36 -3.19 8.37
C SER A 220 17.74 -2.17 9.34
N GLN A 221 16.51 -1.75 9.04
CA GLN A 221 15.73 -0.78 9.84
C GLN A 221 14.24 -1.07 9.65
N SER A 222 13.95 -1.84 8.61
CA SER A 222 12.61 -2.29 8.26
C SER A 222 11.85 -2.86 9.44
N PRO A 223 10.50 -2.77 9.40
CA PRO A 223 9.58 -3.32 10.41
C PRO A 223 9.84 -4.77 10.81
N PRO A 224 10.04 -5.69 9.83
CA PRO A 224 10.25 -7.08 10.23
C PRO A 224 11.54 -7.31 11.02
N THR A 225 12.66 -6.72 10.59
CA THR A 225 13.93 -6.85 11.35
C THR A 225 13.80 -6.25 12.77
N LYS A 226 13.09 -5.13 12.89
CA LYS A 226 12.84 -4.50 14.18
C LYS A 226 11.99 -5.34 15.10
N PHE A 227 10.79 -5.71 14.66
CA PHE A 227 9.88 -6.51 15.49
C PHE A 227 10.45 -7.86 15.98
N LEU A 228 11.33 -8.48 15.19
CA LEU A 228 11.93 -9.78 15.56
C LEU A 228 13.00 -9.66 16.63
N GLU A 229 13.74 -8.54 16.59
CA GLU A 229 14.69 -8.19 17.62
C GLU A 229 13.97 -8.09 18.95
N LEU A 230 12.91 -7.29 18.98
CA LEU A 230 12.08 -7.14 20.18
C LEU A 230 11.72 -8.48 20.87
N ILE A 231 11.61 -9.57 20.10
CA ILE A 231 11.19 -10.90 20.63
C ILE A 231 12.33 -11.81 21.16
N GLY A 232 13.00 -12.56 20.27
CA GLY A 232 14.03 -13.51 20.69
C GLY A 232 13.51 -14.94 20.77
N GLN A 235 12.75 -16.05 14.88
CA GLN A 235 11.69 -16.54 13.92
C GLN A 235 10.94 -17.76 14.51
N GLY A 236 10.09 -18.37 13.70
CA GLY A 236 9.21 -19.46 14.12
C GLY A 236 7.74 -19.13 13.90
N GLN A 237 6.89 -20.16 13.99
CA GLN A 237 5.44 -19.96 13.86
C GLN A 237 4.81 -19.56 15.21
N MET A 238 5.64 -19.50 16.24
CA MET A 238 5.25 -18.90 17.52
C MET A 238 5.39 -17.37 17.51
N THR A 239 5.70 -16.82 16.34
CA THR A 239 5.93 -15.39 16.15
C THR A 239 4.66 -14.54 16.26
N VAL A 240 3.64 -14.91 15.49
CA VAL A 240 2.42 -14.10 15.40
C VAL A 240 1.74 -13.97 16.77
N LEU A 241 1.74 -15.07 17.54
CA LEU A 241 1.25 -15.04 18.91
C LEU A 241 2.05 -14.02 19.70
N ARG A 242 3.37 -14.15 19.63
CA ARG A 242 4.28 -13.29 20.41
C ARG A 242 4.24 -11.82 20.00
N LEU A 243 4.24 -11.58 18.69
CA LEU A 243 4.12 -10.24 18.12
C LEU A 243 2.81 -9.54 18.50
N THR A 244 1.72 -10.31 18.56
CA THR A 244 0.48 -9.79 19.09
C THR A 244 0.74 -9.35 20.54
N GLU A 245 1.31 -10.25 21.32
CA GLU A 245 1.60 -9.99 22.72
C GLU A 245 2.49 -8.78 22.98
N LEU A 246 3.41 -8.46 22.05
CA LEU A 246 4.34 -7.34 22.27
C LEU A 246 3.74 -6.01 21.87
N LEU A 247 2.96 -6.03 20.80
CA LEU A 247 2.16 -4.88 20.41
C LEU A 247 1.07 -4.60 21.45
N GLU A 248 0.58 -5.67 22.08
CA GLU A 248 -0.46 -5.56 23.08
C GLU A 248 0.08 -5.04 24.42
N ARG A 249 1.34 -5.30 24.72
CA ARG A 249 1.94 -4.79 25.95
C ARG A 249 2.26 -3.31 25.82
N GLY A 250 2.26 -2.85 24.57
CA GLY A 250 2.39 -1.44 24.26
C GLY A 250 3.66 -1.05 23.54
N GLU A 251 4.55 -2.00 23.27
CA GLU A 251 5.81 -1.71 22.58
C GLU A 251 5.64 -1.37 21.10
N ARG A 252 6.51 -0.50 20.57
CA ARG A 252 6.38 0.01 19.20
C ARG A 252 7.71 0.08 18.46
N LEU A 253 7.66 0.41 17.18
CA LEU A 253 8.86 0.70 16.42
C LEU A 253 9.57 1.91 17.01
N PRO A 254 10.91 1.90 17.00
CA PRO A 254 11.73 3.02 17.46
C PRO A 254 11.40 4.31 16.71
N ARG A 255 11.85 5.43 17.25
CA ARG A 255 11.70 6.68 16.54
C ARG A 255 12.82 6.75 15.54
N PRO A 256 12.51 6.75 14.23
CA PRO A 256 13.59 6.82 13.27
C PRO A 256 14.53 7.98 13.59
N ASP A 257 15.82 7.78 13.32
CA ASP A 257 16.79 8.85 13.50
C ASP A 257 16.37 10.05 12.64
N LYS A 258 16.55 11.25 13.19
CA LYS A 258 16.25 12.51 12.50
C LYS A 258 14.75 12.78 12.29
N CYS A 259 13.91 11.81 12.65
CA CYS A 259 12.45 11.97 12.65
C CYS A 259 12.02 12.82 13.85
N PRO A 260 11.32 13.94 13.58
CA PRO A 260 10.90 14.83 14.66
C PRO A 260 9.78 14.24 15.53
N CYS A 261 9.71 14.73 16.77
CA CYS A 261 8.72 14.31 17.77
C CYS A 261 7.27 14.42 17.28
N GLU A 262 6.93 15.60 16.79
CA GLU A 262 5.63 15.92 16.21
C GLU A 262 5.13 14.79 15.29
N VAL A 263 6.04 14.31 14.44
CA VAL A 263 5.75 13.22 13.51
C VAL A 263 5.62 11.87 14.22
N TYR A 264 6.63 11.53 15.04
CA TYR A 264 6.65 10.25 15.74
C TYR A 264 5.38 10.09 16.58
N HIS A 265 4.87 11.20 17.10
CA HIS A 265 3.59 11.18 17.82
C HIS A 265 2.49 10.78 16.85
N LEU A 266 2.43 11.47 15.72
CA LEU A 266 1.43 11.17 14.71
C LEU A 266 1.40 9.68 14.41
N MET A 267 2.57 9.09 14.13
CA MET A 267 2.66 7.63 13.94
C MET A 267 2.05 6.90 15.13
N LYS A 268 2.51 7.23 16.33
CA LYS A 268 2.05 6.55 17.53
C LYS A 268 0.54 6.56 17.62
N ASN A 269 -0.08 7.65 17.17
CA ASN A 269 -1.53 7.76 17.17
C ASN A 269 -2.23 6.77 16.27
N CYS A 270 -1.72 6.63 15.05
CA CYS A 270 -2.11 5.56 14.12
C CYS A 270 -1.94 4.14 14.73
N TRP A 271 -1.00 3.99 15.67
CA TRP A 271 -0.71 2.74 16.37
C TRP A 271 -1.43 2.50 17.73
N GLU A 272 -2.44 3.31 18.05
CA GLU A 272 -3.33 2.99 19.18
C GLU A 272 -3.77 1.56 19.03
N THR A 273 -3.67 0.78 20.11
CA THR A 273 -4.02 -0.64 20.14
C THR A 273 -5.49 -0.86 19.81
N GLU A 274 -6.34 -0.05 20.43
CA GLU A 274 -7.77 -0.11 20.16
C GLU A 274 -8.06 0.74 18.94
N ALA A 275 -8.71 0.14 17.95
CA ALA A 275 -8.88 0.74 16.61
C ALA A 275 -9.69 2.04 16.65
N SER A 276 -10.69 2.02 17.55
CA SER A 276 -11.61 3.13 17.77
C SER A 276 -10.92 4.36 18.30
N PHE A 277 -9.68 4.21 18.79
CA PHE A 277 -8.88 5.35 19.26
C PHE A 277 -7.99 6.00 18.18
N ARG A 278 -7.65 5.26 17.12
CA ARG A 278 -6.82 5.78 16.02
C ARG A 278 -7.49 6.97 15.30
N PRO A 279 -6.69 7.88 14.70
CA PRO A 279 -7.30 8.90 13.83
C PRO A 279 -7.78 8.32 12.50
N THR A 280 -8.67 9.02 11.81
CA THR A 280 -9.08 8.59 10.48
C THR A 280 -8.20 9.26 9.40
N PHE A 281 -8.21 8.71 8.19
CA PHE A 281 -7.51 9.36 7.07
C PHE A 281 -8.06 10.76 6.77
N GLU A 282 -9.36 10.96 6.98
CA GLU A 282 -9.96 12.28 6.80
C GLU A 282 -9.15 13.29 7.58
N ASN A 283 -8.96 12.96 8.86
CA ASN A 283 -8.32 13.82 9.83
C ASN A 283 -6.83 13.96 9.62
N LEU A 284 -6.19 12.87 9.20
CA LEU A 284 -4.75 12.89 8.93
C LEU A 284 -4.31 13.93 7.89
N ILE A 285 -5.17 14.22 6.91
CA ILE A 285 -4.86 15.13 5.82
C ILE A 285 -4.49 16.54 6.29
N PRO A 286 -5.40 17.23 7.01
CA PRO A 286 -5.07 18.62 7.38
C PRO A 286 -3.86 18.68 8.31
N ILE A 287 -3.71 17.63 9.13
CA ILE A 287 -2.65 17.52 10.14
C ILE A 287 -1.30 17.37 9.46
N LEU A 288 -1.29 16.66 8.33
CA LEU A 288 -0.06 16.47 7.56
C LEU A 288 0.35 17.71 6.77
N LYS A 289 -0.63 18.41 6.21
CA LYS A 289 -0.38 19.68 5.55
C LYS A 289 0.27 20.63 6.55
N THR A 290 -0.21 20.58 7.80
CA THR A 290 0.26 21.44 8.87
C THR A 290 1.75 21.19 9.13
N VAL A 291 2.11 19.90 9.18
CA VAL A 291 3.48 19.48 9.52
C VAL A 291 4.48 19.53 8.35
N HIS A 292 4.03 19.20 7.14
CA HIS A 292 4.88 19.35 5.95
C HIS A 292 5.31 20.81 5.80
N GLU A 293 4.40 21.71 6.16
CA GLU A 293 4.63 23.16 6.12
C GLU A 293 5.73 23.63 7.09
N LYS A 294 5.93 22.90 8.18
CA LYS A 294 7.00 23.19 9.14
C LYS A 294 8.41 23.20 8.50
N TYR A 295 8.67 22.28 7.58
CA TYR A 295 9.98 22.17 6.90
C TYR A 295 9.82 22.03 5.38
#